data_7S19
#
_entry.id   7S19
#
_cell.length_a   95.930
_cell.length_b   95.930
_cell.length_c   68.850
_cell.angle_alpha   90.000
_cell.angle_beta   90.000
_cell.angle_gamma   120.000
#
_symmetry.space_group_name_H-M   'P 32 2 1'
#
loop_
_entity.id
_entity.type
_entity.pdbx_description
1 polymer Cruzipain
2 non-polymer N,N-dimethyl-L-valyl-L-leucyl-N-[(3S)-6-{(2S)-2-[(1H-indol-3-yl)methyl]-3-methoxy-5-oxo-2,5-dihydro-1H-pyrrol-1-yl}-6-oxo-1-phenylhexan-3-yl]-L-leucinamide
3 water water
#
_entity_poly.entity_id   1
_entity_poly.type   'polypeptide(L)'
_entity_poly.pdbx_seq_one_letter_code
;APAAVDWRARGAVTAVKDQGQCGSCWAFSAIGNVECQWFLAGHPLTNLSEQMLVSCDKTDSGCSGGLMNNAFEWIVQENN
GAVYTEDSYPYASGEGISPPCTTSGHTVGATITGHVELPQDEAQIAAWLAVNGPVAVAVDASSWMTYTGGVMTSCVSEQL
DHGVLLVGYNDSAAVPYWIIKNSWTTQWGEEGYIRIAKGSNQCLVKEEASSAVVG
;
_entity_poly.pdbx_strand_id   A
#
# COMPACT_ATOMS: atom_id res chain seq x y z
N ALA A 1 0.92 -13.95 18.36
CA ALA A 1 1.28 -13.68 16.95
C ALA A 1 2.53 -14.48 16.62
N PRO A 2 2.68 -14.84 15.36
CA PRO A 2 3.86 -15.58 15.01
C PRO A 2 5.09 -14.73 15.10
N ALA A 3 6.24 -15.37 15.08
CA ALA A 3 7.51 -14.71 15.21
C ALA A 3 7.86 -13.87 13.94
N ALA A 4 7.42 -14.37 12.79
CA ALA A 4 7.81 -13.86 11.48
C ALA A 4 6.72 -14.21 10.46
N VAL A 5 6.45 -13.24 9.60
CA VAL A 5 5.43 -13.34 8.57
C VAL A 5 5.98 -12.62 7.32
N ASP A 6 5.91 -13.26 6.18
CA ASP A 6 6.15 -12.63 4.94
C ASP A 6 5.10 -13.12 3.96
N TRP A 7 4.12 -12.26 3.67
CA TRP A 7 3.03 -12.65 2.80
C TRP A 7 3.45 -12.95 1.37
N ARG A 8 4.61 -12.44 0.95
CA ARG A 8 5.13 -12.76 -0.34
C ARG A 8 5.34 -14.27 -0.54
N ALA A 9 5.65 -14.98 0.53
CA ALA A 9 5.92 -16.38 0.45
C ALA A 9 4.67 -17.23 0.28
N ARG A 10 3.49 -16.70 0.54
CA ARG A 10 2.29 -17.43 0.26
C ARG A 10 1.86 -17.16 -1.17
N GLY A 11 2.64 -16.44 -1.94
CA GLY A 11 2.21 -15.93 -3.25
C GLY A 11 1.21 -14.79 -3.30
N ALA A 12 1.08 -14.02 -2.21
CA ALA A 12 0.05 -12.97 -2.06
C ALA A 12 0.37 -11.55 -2.50
N VAL A 13 1.58 -11.39 -2.99
CA VAL A 13 2.02 -10.03 -3.37
C VAL A 13 2.36 -9.99 -4.89
N THR A 14 1.99 -8.85 -5.50
CA THR A 14 2.19 -8.56 -6.92
C THR A 14 3.55 -7.86 -7.06
N ALA A 15 4.04 -7.82 -8.26
CA ALA A 15 5.31 -7.19 -8.54
C ALA A 15 5.32 -5.72 -8.12
N VAL A 16 6.50 -5.26 -7.76
CA VAL A 16 6.72 -3.88 -7.39
C VAL A 16 6.46 -2.99 -8.61
N LYS A 17 5.77 -1.88 -8.38
CA LYS A 17 5.36 -0.97 -9.45
C LYS A 17 6.16 0.30 -9.38
N ASP A 18 5.86 1.19 -10.33
CA ASP A 18 6.56 2.45 -10.51
C ASP A 18 5.54 3.55 -10.61
N GLN A 19 5.43 4.35 -9.56
CA GLN A 19 4.53 5.48 -9.60
C GLN A 19 5.01 6.59 -10.55
N GLY A 20 6.31 6.56 -10.92
CA GLY A 20 6.89 7.59 -11.81
C GLY A 20 6.92 8.93 -11.12
N GLN A 21 6.78 10.02 -11.87
CA GLN A 21 6.96 11.37 -11.31
C GLN A 21 5.67 11.99 -10.87
N CYS A 22 4.79 11.19 -10.31
CA CYS A 22 3.52 11.60 -9.88
C CYS A 22 3.44 11.33 -8.41
N GLY A 23 2.77 12.14 -7.63
CA GLY A 23 2.59 11.90 -6.20
C GLY A 23 1.41 11.00 -5.87
N SER A 24 1.37 9.82 -6.50
CA SER A 24 0.22 8.92 -6.39
C SER A 24 0.48 7.80 -5.37
N CYS A 25 1.44 8.00 -4.47
CA CYS A 25 1.81 6.95 -3.54
C CYS A 25 0.58 6.32 -2.82
N TRP A 26 -0.30 7.19 -2.34
CA TRP A 26 -1.53 6.84 -1.66
C TRP A 26 -2.37 5.84 -2.41
N ALA A 27 -2.41 5.95 -3.74
CA ALA A 27 -3.16 5.04 -4.58
C ALA A 27 -2.46 3.70 -4.72
N PHE A 28 -1.14 3.70 -4.83
CA PHE A 28 -0.37 2.45 -4.90
C PHE A 28 -0.51 1.65 -3.63
N SER A 29 -0.51 2.35 -2.51
CA SER A 29 -0.68 1.72 -1.22
C SER A 29 -2.07 1.13 -1.11
N ALA A 30 -3.10 1.92 -1.42
CA ALA A 30 -4.48 1.47 -1.33
C ALA A 30 -4.73 0.25 -2.21
N ILE A 31 -4.32 0.36 -3.48
CA ILE A 31 -4.53 -0.70 -4.47
C ILE A 31 -3.69 -1.93 -4.12
N GLY A 32 -2.50 -1.72 -3.61
CA GLY A 32 -1.70 -2.83 -3.12
C GLY A 32 -2.41 -3.64 -2.07
N ASN A 33 -2.99 -2.92 -1.11
CA ASN A 33 -3.74 -3.54 -0.08
C ASN A 33 -4.91 -4.34 -0.64
N VAL A 34 -5.64 -3.77 -1.60
CA VAL A 34 -6.84 -4.42 -2.20
C VAL A 34 -6.42 -5.66 -2.95
N GLU A 35 -5.37 -5.60 -3.75
CA GLU A 35 -4.86 -6.78 -4.47
C GLU A 35 -4.63 -7.95 -3.50
N CYS A 36 -3.95 -7.70 -2.38
CA CYS A 36 -3.66 -8.75 -1.40
C CYS A 36 -4.90 -9.25 -0.67
N GLN A 37 -5.84 -8.38 -0.32
CA GLN A 37 -7.06 -8.81 0.33
C GLN A 37 -7.96 -9.64 -0.56
N TRP A 38 -8.02 -9.28 -1.83
CA TRP A 38 -8.79 -10.01 -2.81
C TRP A 38 -8.19 -11.38 -2.97
N PHE A 39 -6.87 -11.46 -3.15
CA PHE A 39 -6.19 -12.75 -3.19
C PHE A 39 -6.53 -13.61 -1.97
N LEU A 40 -6.42 -13.06 -0.77
CA LEU A 40 -6.65 -13.84 0.46
C LEU A 40 -8.11 -14.14 0.77
N ALA A 41 -9.04 -13.50 0.07
CA ALA A 41 -10.41 -13.88 0.17
C ALA A 41 -10.68 -15.04 -0.78
N GLY A 42 -9.68 -15.63 -1.41
CA GLY A 42 -9.93 -16.76 -2.29
C GLY A 42 -9.83 -16.51 -3.79
N HIS A 43 -9.63 -15.30 -4.25
CA HIS A 43 -9.62 -15.07 -5.69
C HIS A 43 -8.21 -15.16 -6.25
N PRO A 44 -8.07 -15.21 -7.55
CA PRO A 44 -6.66 -15.30 -8.02
C PRO A 44 -5.92 -13.93 -8.05
N LEU A 45 -4.60 -13.97 -8.02
CA LEU A 45 -3.79 -12.76 -7.88
C LEU A 45 -4.06 -11.91 -9.10
N THR A 46 -4.66 -10.74 -8.91
CA THR A 46 -4.96 -9.80 -10.00
C THR A 46 -4.29 -8.43 -9.76
N ASN A 47 -3.58 -7.97 -10.77
CA ASN A 47 -3.15 -6.59 -10.83
C ASN A 47 -4.29 -5.60 -11.04
N LEU A 48 -4.39 -4.62 -10.16
CA LEU A 48 -5.49 -3.68 -10.17
C LEU A 48 -4.99 -2.29 -10.51
N SER A 49 -5.94 -1.41 -10.85
CA SER A 49 -5.68 -0.10 -11.37
C SER A 49 -5.54 1.01 -10.32
N GLU A 50 -4.32 1.53 -10.19
CA GLU A 50 -4.08 2.80 -9.51
C GLU A 50 -4.66 4.01 -10.26
N GLN A 51 -4.60 3.99 -11.60
CA GLN A 51 -5.05 5.10 -12.39
C GLN A 51 -6.54 5.42 -12.12
N MET A 52 -7.33 4.39 -11.90
CA MET A 52 -8.67 4.57 -11.43
C MET A 52 -8.73 5.57 -10.31
N LEU A 53 -7.89 5.42 -9.30
CA LEU A 53 -7.91 6.33 -8.16
C LEU A 53 -7.36 7.71 -8.49
N VAL A 54 -6.24 7.73 -9.19
CA VAL A 54 -5.58 8.97 -9.46
C VAL A 54 -6.49 9.89 -10.28
N SER A 55 -7.11 9.35 -11.32
CA SER A 55 -7.88 10.12 -12.25
C SER A 55 -9.30 10.30 -11.71
N CYS A 56 -9.91 9.29 -11.08
CA CYS A 56 -11.36 9.33 -10.79
C CYS A 56 -11.80 9.65 -9.39
N ASP A 57 -10.95 9.51 -8.38
CA ASP A 57 -11.29 9.74 -6.97
C ASP A 57 -11.08 11.20 -6.73
N LYS A 58 -12.18 11.93 -6.64
CA LYS A 58 -12.10 13.38 -6.42
C LYS A 58 -12.11 13.85 -5.00
N THR A 59 -12.31 13.00 -4.02
CA THR A 59 -11.94 13.36 -2.64
C THR A 59 -10.43 13.51 -2.52
N ASP A 60 -9.65 12.71 -3.23
CA ASP A 60 -8.19 12.84 -3.15
C ASP A 60 -7.80 13.76 -4.27
N SER A 61 -6.50 14.07 -4.36
CA SER A 61 -6.00 15.09 -5.29
C SER A 61 -5.02 14.54 -6.34
N GLY A 62 -5.26 13.34 -6.86
CA GLY A 62 -4.41 12.86 -7.94
C GLY A 62 -2.90 12.90 -7.66
N CYS A 63 -2.14 13.37 -8.65
CA CYS A 63 -0.70 13.57 -8.57
C CYS A 63 -0.23 14.50 -7.45
N SER A 64 -1.12 15.25 -6.84
CA SER A 64 -0.80 16.14 -5.73
C SER A 64 -0.93 15.50 -4.34
N GLY A 65 -1.50 14.31 -4.24
CA GLY A 65 -1.51 13.55 -3.00
C GLY A 65 -2.89 13.07 -2.67
N GLY A 66 -2.96 12.30 -1.58
CA GLY A 66 -4.20 11.71 -1.14
C GLY A 66 -4.00 10.90 0.12
N LEU A 67 -4.99 10.10 0.43
CA LEU A 67 -5.05 9.35 1.61
C LEU A 67 -5.74 8.02 1.31
N MET A 68 -5.14 6.93 1.76
CA MET A 68 -5.65 5.63 1.49
C MET A 68 -7.09 5.45 1.96
N ASN A 69 -7.38 5.96 3.13
CA ASN A 69 -8.72 5.87 3.67
C ASN A 69 -9.76 6.59 2.83
N ASN A 70 -9.40 7.74 2.27
CA ASN A 70 -10.29 8.41 1.37
C ASN A 70 -10.48 7.55 0.12
N ALA A 71 -9.42 6.89 -0.33
CA ALA A 71 -9.53 6.04 -1.50
C ALA A 71 -10.45 4.88 -1.24
N PHE A 72 -10.33 4.29 -0.06
CA PHE A 72 -11.20 3.16 0.25
C PHE A 72 -12.67 3.61 0.30
N GLU A 73 -12.93 4.78 0.92
CA GLU A 73 -14.27 5.41 0.91
C GLU A 73 -14.82 5.72 -0.49
N TRP A 74 -14.05 6.43 -1.31
CA TRP A 74 -14.41 6.59 -2.69
C TRP A 74 -14.75 5.28 -3.38
N ILE A 75 -13.93 4.24 -3.19
CA ILE A 75 -14.22 3.00 -3.91
C ILE A 75 -15.62 2.48 -3.53
N VAL A 76 -15.96 2.56 -2.25
CA VAL A 76 -17.17 1.95 -1.78
C VAL A 76 -18.40 2.86 -2.07
N GLN A 77 -18.33 4.11 -1.66
CA GLN A 77 -19.46 5.04 -1.76
C GLN A 77 -19.73 5.64 -3.13
N GLU A 78 -18.71 5.82 -3.94
CA GLU A 78 -18.85 6.38 -5.28
C GLU A 78 -18.71 5.39 -6.42
N ASN A 79 -18.08 4.24 -6.19
CA ASN A 79 -17.81 3.28 -7.29
C ASN A 79 -18.44 1.93 -7.05
N ASN A 80 -19.36 1.86 -6.08
CA ASN A 80 -20.05 0.61 -5.78
C ASN A 80 -19.14 -0.55 -5.34
N GLY A 81 -18.02 -0.22 -4.67
CA GLY A 81 -17.01 -1.20 -4.29
C GLY A 81 -16.07 -1.69 -5.40
N ALA A 82 -16.29 -1.30 -6.65
CA ALA A 82 -15.53 -1.84 -7.78
C ALA A 82 -14.10 -1.25 -7.92
N VAL A 83 -13.14 -2.10 -8.27
CA VAL A 83 -11.76 -1.69 -8.53
C VAL A 83 -11.43 -2.32 -9.86
N TYR A 84 -10.99 -1.54 -10.81
CA TYR A 84 -10.72 -2.09 -12.14
C TYR A 84 -9.38 -2.78 -12.23
N THR A 85 -9.25 -3.66 -13.21
CA THR A 85 -7.98 -4.25 -13.52
C THR A 85 -7.03 -3.22 -14.09
N GLU A 86 -5.75 -3.46 -13.91
CA GLU A 86 -4.70 -2.64 -14.44
C GLU A 86 -4.64 -2.81 -15.92
N ASP A 87 -4.91 -4.04 -16.36
CA ASP A 87 -4.96 -4.37 -17.77
C ASP A 87 -5.97 -3.51 -18.53
N SER A 88 -7.17 -3.34 -18.02
CA SER A 88 -8.14 -2.53 -18.69
C SER A 88 -8.00 -1.03 -18.40
N TYR A 89 -7.39 -0.65 -17.24
CA TYR A 89 -7.21 0.76 -16.84
C TYR A 89 -5.77 1.06 -16.38
N PRO A 90 -4.85 1.13 -17.35
CA PRO A 90 -3.45 1.15 -16.98
C PRO A 90 -2.94 2.52 -16.56
N TYR A 91 -1.81 2.49 -15.88
CA TYR A 91 -1.23 3.64 -15.27
C TYR A 91 -0.70 4.53 -16.37
N ALA A 92 -1.00 5.81 -16.31
CA ALA A 92 -0.60 6.75 -17.34
C ALA A 92 -0.12 8.06 -16.77
N SER A 93 0.19 8.14 -15.47
CA SER A 93 0.59 9.34 -14.81
C SER A 93 2.07 9.35 -14.46
N GLY A 94 2.84 8.44 -15.04
CA GLY A 94 4.28 8.36 -14.84
C GLY A 94 5.10 9.60 -15.14
N GLU A 95 4.60 10.47 -16.01
CA GLU A 95 5.22 11.76 -16.27
C GLU A 95 4.66 12.88 -15.42
N GLY A 96 3.81 12.58 -14.48
CA GLY A 96 3.37 13.58 -13.55
C GLY A 96 2.10 14.30 -13.94
N ILE A 97 1.49 13.98 -15.08
CA ILE A 97 0.16 14.54 -15.41
C ILE A 97 -0.89 13.42 -15.44
N SER A 98 -1.82 13.46 -14.54
CA SER A 98 -2.89 12.50 -14.56
C SER A 98 -3.89 12.76 -15.71
N PRO A 99 -4.23 11.76 -16.51
CA PRO A 99 -5.34 12.02 -17.45
C PRO A 99 -6.73 12.24 -16.78
N PRO A 100 -7.70 12.85 -17.53
CA PRO A 100 -9.05 12.96 -16.99
C PRO A 100 -9.65 11.60 -16.69
N CYS A 101 -10.57 11.53 -15.73
CA CYS A 101 -11.30 10.30 -15.46
C CYS A 101 -11.92 9.77 -16.75
N THR A 102 -11.85 8.47 -17.04
CA THR A 102 -12.42 7.97 -18.27
C THR A 102 -13.93 7.83 -18.16
N THR A 103 -14.54 7.97 -19.33
CA THR A 103 -15.95 7.85 -19.60
C THR A 103 -16.24 6.60 -20.49
N SER A 104 -15.23 5.74 -20.69
CA SER A 104 -15.42 4.36 -21.16
C SER A 104 -15.76 3.43 -19.99
N GLY A 105 -15.89 2.17 -20.34
CA GLY A 105 -16.07 1.08 -19.43
C GLY A 105 -14.78 0.27 -19.35
N HIS A 106 -14.65 -0.39 -18.20
CA HIS A 106 -13.47 -1.11 -17.79
C HIS A 106 -13.88 -2.41 -17.17
N THR A 107 -12.99 -3.36 -17.11
CA THR A 107 -13.25 -4.62 -16.44
C THR A 107 -12.99 -4.51 -14.91
N VAL A 108 -14.00 -4.84 -14.12
CA VAL A 108 -13.88 -4.97 -12.67
C VAL A 108 -12.99 -6.17 -12.28
N GLY A 109 -11.93 -5.94 -11.52
CA GLY A 109 -11.02 -7.00 -11.06
C GLY A 109 -11.28 -7.45 -9.64
N ALA A 110 -11.85 -6.60 -8.81
CA ALA A 110 -12.11 -6.87 -7.43
C ALA A 110 -13.24 -5.98 -6.92
N THR A 111 -13.84 -6.38 -5.80
CA THR A 111 -14.85 -5.65 -5.11
C THR A 111 -14.56 -5.61 -3.58
N ILE A 112 -14.67 -4.44 -2.97
CA ILE A 112 -14.50 -4.31 -1.54
C ILE A 112 -15.80 -3.81 -0.96
N THR A 113 -16.02 -4.05 0.33
CA THR A 113 -17.23 -3.59 1.04
C THR A 113 -17.02 -2.52 2.05
N GLY A 114 -15.77 -2.23 2.42
CA GLY A 114 -15.48 -1.26 3.47
C GLY A 114 -13.98 -1.27 3.72
N HIS A 115 -13.56 -0.64 4.79
CA HIS A 115 -12.17 -0.70 5.27
C HIS A 115 -12.18 -0.62 6.78
N VAL A 116 -11.13 -1.08 7.46
CA VAL A 116 -10.93 -0.91 8.90
C VAL A 116 -9.72 -0.06 9.14
N GLU A 117 -9.80 0.79 10.15
CA GLU A 117 -8.66 1.57 10.66
C GLU A 117 -8.12 0.76 11.80
N LEU A 118 -6.82 0.49 11.77
CA LEU A 118 -6.21 -0.32 12.79
C LEU A 118 -5.72 0.55 13.95
N PRO A 119 -5.63 -0.03 15.14
CA PRO A 119 -5.07 0.73 16.29
C PRO A 119 -3.68 1.36 16.01
N GLN A 120 -3.32 2.36 16.80
CA GLN A 120 -2.02 2.94 16.69
C GLN A 120 -0.99 2.27 17.59
N ASP A 121 -0.62 1.03 17.23
CA ASP A 121 0.08 0.15 18.10
C ASP A 121 0.83 -0.89 17.26
N GLU A 122 2.17 -0.88 17.27
CA GLU A 122 2.90 -1.76 16.39
C GLU A 122 2.57 -3.25 16.62
N ALA A 123 2.46 -3.70 17.86
CA ALA A 123 2.14 -5.15 18.11
C ALA A 123 0.77 -5.57 17.59
N GLN A 124 -0.23 -4.73 17.74
CA GLN A 124 -1.58 -5.07 17.26
C GLN A 124 -1.71 -5.04 15.74
N ILE A 125 -0.98 -4.14 15.10
CA ILE A 125 -0.90 -4.14 13.65
C ILE A 125 -0.26 -5.46 13.19
N ALA A 126 0.84 -5.86 13.80
CA ALA A 126 1.47 -7.12 13.50
C ALA A 126 0.52 -8.29 13.61
N ALA A 127 -0.15 -8.37 14.74
CA ALA A 127 -1.14 -9.47 14.95
C ALA A 127 -2.26 -9.51 13.88
N TRP A 128 -2.80 -8.33 13.56
CA TRP A 128 -3.85 -8.20 12.56
C TRP A 128 -3.31 -8.60 11.22
N LEU A 129 -2.08 -8.23 10.91
CA LEU A 129 -1.46 -8.59 9.65
C LEU A 129 -1.21 -10.05 9.52
N ALA A 130 -0.74 -10.68 10.58
CA ALA A 130 -0.56 -12.16 10.58
C ALA A 130 -1.84 -12.87 10.25
N VAL A 131 -2.94 -12.40 10.81
CA VAL A 131 -4.21 -13.01 10.57
C VAL A 131 -4.80 -12.62 9.24
N ASN A 132 -4.94 -11.33 8.94
CA ASN A 132 -5.70 -10.84 7.75
C ASN A 132 -4.96 -10.35 6.53
N GLY A 133 -3.65 -10.23 6.59
CA GLY A 133 -2.89 -9.88 5.41
C GLY A 133 -2.26 -8.49 5.41
N PRO A 134 -1.71 -8.07 4.26
CA PRO A 134 -0.99 -6.81 4.22
C PRO A 134 -1.82 -5.57 4.54
N VAL A 135 -1.15 -4.57 5.13
CA VAL A 135 -1.77 -3.36 5.67
C VAL A 135 -1.23 -2.15 4.94
N ALA A 136 -2.13 -1.25 4.53
CA ALA A 136 -1.75 0.04 3.99
C ALA A 136 -1.32 0.92 5.17
N VAL A 137 -0.15 1.54 5.07
CA VAL A 137 0.29 2.48 6.08
C VAL A 137 0.89 3.75 5.47
N ALA A 138 0.76 4.81 6.24
CA ALA A 138 1.45 6.04 6.00
C ALA A 138 2.76 6.04 6.78
N VAL A 139 3.77 6.71 6.23
CA VAL A 139 5.09 6.83 6.83
C VAL A 139 5.62 8.20 6.53
N ASP A 140 6.62 8.60 7.30
CA ASP A 140 7.53 9.71 6.98
C ASP A 140 8.66 9.09 6.23
N ALA A 141 8.77 9.43 4.95
CA ALA A 141 9.82 8.91 4.12
C ALA A 141 10.90 9.91 3.72
N SER A 142 11.03 11.06 4.38
CA SER A 142 12.25 11.97 4.26
C SER A 142 13.61 11.30 4.16
N SER A 143 13.88 10.39 5.09
CA SER A 143 15.18 9.74 5.08
C SER A 143 15.27 8.55 4.14
N TRP A 144 14.22 8.26 3.38
CA TRP A 144 14.25 7.05 2.53
C TRP A 144 15.05 7.14 1.25
N MET A 145 15.43 8.35 0.89
CA MET A 145 16.21 8.68 -0.32
C MET A 145 17.53 7.94 -0.53
N THR A 146 18.31 7.91 0.52
CA THR A 146 19.62 7.34 0.53
C THR A 146 19.64 5.82 0.78
N TYR A 147 18.45 5.19 0.89
CA TYR A 147 18.36 3.81 1.40
C TYR A 147 18.70 2.87 0.28
N THR A 148 19.65 2.00 0.60
CA THR A 148 20.14 0.93 -0.31
C THR A 148 19.91 -0.48 0.22
N GLY A 149 19.70 -0.63 1.53
CA GLY A 149 19.53 -1.97 2.14
C GLY A 149 19.70 -1.98 3.63
N GLY A 150 19.39 -3.11 4.24
CA GLY A 150 19.49 -3.28 5.66
C GLY A 150 18.21 -2.85 6.35
N VAL A 151 18.29 -2.75 7.65
CA VAL A 151 17.16 -2.44 8.46
C VAL A 151 17.43 -1.03 8.87
N MET A 152 16.59 -0.10 8.47
CA MET A 152 16.78 1.28 8.81
C MET A 152 16.33 1.46 10.27
N THR A 153 17.22 2.02 11.09
CA THR A 153 16.99 2.22 12.53
C THR A 153 16.96 3.67 12.96
N SER A 154 17.34 4.63 12.10
CA SER A 154 17.18 6.08 12.42
C SER A 154 16.40 6.76 11.32
N CYS A 155 15.15 6.38 11.22
CA CYS A 155 14.26 6.96 10.30
C CYS A 155 13.83 8.24 11.01
N VAL A 156 13.91 9.33 10.26
CA VAL A 156 13.27 10.61 10.63
C VAL A 156 11.75 10.42 10.71
N SER A 157 11.19 10.75 11.84
CA SER A 157 9.86 10.36 12.15
C SER A 157 9.09 11.56 12.62
N GLU A 158 9.06 12.59 11.79
CA GLU A 158 8.41 13.88 12.10
C GLU A 158 7.03 14.06 11.45
N GLN A 159 6.88 13.72 10.17
CA GLN A 159 5.63 13.98 9.46
C GLN A 159 5.31 12.98 8.37
N LEU A 160 4.10 12.44 8.45
CA LEU A 160 3.57 11.48 7.46
C LEU A 160 3.53 12.15 6.10
N ASP A 161 4.13 11.54 5.08
CA ASP A 161 4.11 12.12 3.76
C ASP A 161 4.06 11.09 2.59
N HIS A 162 4.01 9.80 2.93
CA HIS A 162 4.18 8.73 1.95
C HIS A 162 3.30 7.59 2.32
N GLY A 163 2.85 6.85 1.34
CA GLY A 163 1.99 5.68 1.59
C GLY A 163 2.60 4.46 0.97
N VAL A 164 2.57 3.39 1.74
CA VAL A 164 3.20 2.12 1.40
C VAL A 164 2.41 0.92 1.96
N LEU A 165 3.00 -0.27 1.90
CA LEU A 165 2.26 -1.49 2.21
C LEU A 165 3.16 -2.39 3.04
N LEU A 166 2.71 -2.75 4.23
CA LEU A 166 3.32 -3.71 5.07
C LEU A 166 2.94 -5.11 4.58
N VAL A 167 3.96 -5.90 4.29
CA VAL A 167 3.75 -7.26 3.84
C VAL A 167 4.24 -8.29 4.78
N GLY A 168 4.95 -7.88 5.82
CA GLY A 168 5.53 -8.80 6.76
C GLY A 168 6.26 -8.17 7.91
N TYR A 169 6.81 -9.02 8.76
CA TYR A 169 7.61 -8.61 9.85
C TYR A 169 8.40 -9.77 10.34
N ASN A 170 9.48 -9.46 11.07
CA ASN A 170 10.31 -10.45 11.76
C ASN A 170 10.66 -9.96 13.20
N ASP A 171 9.99 -10.56 14.19
CA ASP A 171 10.21 -10.27 15.61
C ASP A 171 11.37 -11.03 16.22
N SER A 172 11.96 -11.99 15.51
CA SER A 172 13.04 -12.83 16.04
C SER A 172 14.39 -12.30 15.79
N ALA A 173 14.53 -11.43 14.81
CA ALA A 173 15.85 -10.97 14.43
C ALA A 173 16.50 -10.17 15.54
N ALA A 174 17.83 -10.07 15.40
CA ALA A 174 18.67 -9.18 16.20
C ALA A 174 18.09 -7.77 16.23
N VAL A 175 17.74 -7.28 15.05
CA VAL A 175 16.97 -6.06 14.97
C VAL A 175 15.61 -6.32 14.37
N PRO A 176 14.56 -6.38 15.17
CA PRO A 176 13.28 -6.70 14.56
C PRO A 176 12.87 -5.69 13.52
N TYR A 177 12.07 -6.12 12.55
CA TYR A 177 11.69 -5.28 11.45
C TYR A 177 10.35 -5.58 10.82
N TRP A 178 9.83 -4.54 10.19
CA TRP A 178 8.75 -4.60 9.21
C TRP A 178 9.32 -4.76 7.80
N ILE A 179 8.57 -5.44 6.95
CA ILE A 179 8.85 -5.59 5.55
C ILE A 179 7.78 -4.83 4.78
N ILE A 180 8.27 -3.82 4.05
CA ILE A 180 7.47 -2.83 3.43
C ILE A 180 7.70 -2.82 1.92
N LYS A 181 6.61 -2.92 1.16
CA LYS A 181 6.63 -2.77 -0.32
C LYS A 181 6.50 -1.30 -0.69
N ASN A 182 7.42 -0.78 -1.50
CA ASN A 182 7.34 0.62 -1.97
C ASN A 182 6.96 0.59 -3.45
N SER A 183 6.84 1.75 -4.07
CA SER A 183 6.35 1.88 -5.43
C SER A 183 7.31 2.67 -6.27
N TRP A 184 8.60 2.48 -6.05
CA TRP A 184 9.63 3.22 -6.71
C TRP A 184 10.52 2.35 -7.53
N THR A 185 9.94 1.32 -8.13
CA THR A 185 10.67 0.30 -8.94
C THR A 185 11.45 -0.67 -8.11
N THR A 186 11.87 -1.77 -8.75
CA THR A 186 12.74 -2.73 -8.10
C THR A 186 14.18 -2.28 -7.98
N GLN A 187 14.60 -1.21 -8.65
CA GLN A 187 15.94 -0.67 -8.38
C GLN A 187 16.16 0.11 -7.10
N TRP A 188 15.11 0.42 -6.39
CA TRP A 188 15.28 1.17 -5.18
C TRP A 188 15.27 0.12 -4.09
N GLY A 189 16.00 0.41 -3.01
CA GLY A 189 16.13 -0.45 -1.81
C GLY A 189 16.43 -1.90 -2.12
N GLU A 190 15.70 -2.80 -1.45
CA GLU A 190 15.93 -4.23 -1.53
C GLU A 190 14.93 -4.84 -2.50
N GLU A 191 15.26 -4.78 -3.79
CA GLU A 191 14.34 -5.19 -4.88
C GLU A 191 12.99 -4.46 -4.81
N GLY A 192 13.00 -3.18 -4.42
CA GLY A 192 11.80 -2.37 -4.23
C GLY A 192 11.14 -2.37 -2.88
N TYR A 193 11.72 -3.17 -1.99
CA TYR A 193 11.26 -3.28 -0.60
C TYR A 193 12.25 -2.57 0.32
N ILE A 194 11.72 -2.26 1.50
CA ILE A 194 12.46 -1.69 2.60
C ILE A 194 12.07 -2.37 3.93
N ARG A 195 13.11 -2.63 4.74
CA ARG A 195 12.96 -3.03 6.12
C ARG A 195 13.24 -1.88 7.03
N ILE A 196 12.31 -1.56 7.90
CA ILE A 196 12.55 -0.58 8.93
C ILE A 196 12.40 -1.28 10.27
N ALA A 197 13.12 -0.81 11.28
CA ALA A 197 13.06 -1.36 12.62
C ALA A 197 11.67 -1.28 13.18
N LYS A 198 11.29 -2.35 13.87
CA LYS A 198 9.96 -2.54 14.46
C LYS A 198 10.05 -2.36 15.96
N GLY A 199 9.04 -1.80 16.58
CA GLY A 199 9.03 -1.59 18.05
C GLY A 199 9.25 -0.17 18.49
N SER A 200 9.87 0.68 17.66
CA SER A 200 10.18 2.07 18.03
C SER A 200 9.44 3.15 17.19
N ASN A 201 8.24 2.85 16.70
CA ASN A 201 7.52 3.69 15.74
C ASN A 201 8.41 4.42 14.66
N GLN A 202 9.33 3.68 14.07
CA GLN A 202 10.14 4.23 12.99
C GLN A 202 9.24 4.76 11.85
N CYS A 203 9.62 5.91 11.35
CA CYS A 203 8.88 6.62 10.30
C CYS A 203 7.43 6.81 10.62
N LEU A 204 7.01 6.75 11.89
CA LEU A 204 5.58 6.95 12.28
C LEU A 204 4.69 5.88 11.66
N VAL A 205 5.29 4.71 11.50
CA VAL A 205 4.60 3.59 10.85
C VAL A 205 3.27 3.17 11.45
N LYS A 206 3.08 3.40 12.73
CA LYS A 206 1.88 2.97 13.39
C LYS A 206 0.73 3.97 13.30
N GLU A 207 1.00 5.21 12.85
CA GLU A 207 0.00 6.30 13.05
C GLU A 207 -1.23 6.12 12.18
N GLU A 208 -1.09 5.67 10.94
CA GLU A 208 -2.24 5.70 10.06
C GLU A 208 -2.30 4.39 9.22
N ALA A 209 -2.68 3.31 9.90
CA ALA A 209 -2.69 1.98 9.33
C ALA A 209 -4.11 1.55 9.02
N SER A 210 -4.35 0.93 7.89
CA SER A 210 -5.72 0.52 7.58
C SER A 210 -5.74 -0.51 6.48
N SER A 211 -6.92 -1.03 6.22
CA SER A 211 -7.07 -2.01 5.20
C SER A 211 -8.45 -2.12 4.65
N ALA A 212 -8.57 -2.38 3.35
CA ALA A 212 -9.88 -2.69 2.75
C ALA A 212 -10.36 -4.02 3.31
N VAL A 213 -11.68 -4.20 3.24
CA VAL A 213 -12.35 -5.40 3.65
C VAL A 213 -13.05 -5.96 2.43
N VAL A 214 -12.73 -7.19 2.08
CA VAL A 214 -13.45 -7.90 1.03
C VAL A 214 -14.54 -8.80 1.66
N GLY A 215 -15.71 -8.87 1.01
CA GLY A 215 -16.71 -9.96 1.25
C GLY A 215 -17.99 -9.61 1.99
#